data_8FUU
#
_entry.id   8FUU
#
_cell.length_a   80.773
_cell.length_b   80.773
_cell.length_c   120.103
_cell.angle_alpha   90.00
_cell.angle_beta   90.00
_cell.angle_gamma   120.00
#
_symmetry.space_group_name_H-M   'P 32 2 1'
#
loop_
_entity.id
_entity.type
_entity.pdbx_description
1 polymer S-arrestin
2 water water
#
_entity_poly.entity_id   1
_entity_poly.type   'polypeptide(L)'
_entity_poly.pdbx_seq_one_letter_code
;MSGEKKSRHVMYKKTSRDKAVSVYLGKRDYVDHVDSVEPVDGVVLVDPDLLKGKKVYVTLTCAFRYGQEDIDVIGLTFRK
DLYYARTQIYPPVEDPKALTKVQERLMKKLGNNAFPFVLEFPDFLPCSVSLQPAPSDVGKACGVDFEIKAFSTNNLEDRI
HKKNSVRLMIRKIQYAPDQPGPKPRAETSWQFFMSDKPLHLTASLSKEVFYHGEPITVSVSVTNKSDKTVKKISASVEQV
SNVVLYSSDYYIKTVALEESNEKVPSKASYNHTFSLLPLLAYNREKREIALDGKLKHEDTNLASSTLLKEGTDRTVMGIL
VDYKIKVTLTVSGLLGDMTSSEVSTELPFILMHPNPDGGAKESEQEDDMVFEEFARDPLKGELQAEEKEEEEDDEK
;
_entity_poly.pdbx_strand_id   A
#
# COMPACT_ATOMS: atom_id res chain seq x y z
N SER A 7 1.64 25.26 -12.29
CA SER A 7 2.14 24.40 -13.41
C SER A 7 3.30 23.54 -12.95
N ARG A 8 3.14 22.22 -13.04
CA ARG A 8 4.16 21.28 -12.60
C ARG A 8 5.31 21.29 -13.60
N HIS A 9 6.51 21.60 -13.11
CA HIS A 9 7.70 21.72 -13.93
C HIS A 9 8.50 20.42 -13.91
N VAL A 10 8.04 19.43 -13.14
CA VAL A 10 8.81 18.21 -12.93
C VAL A 10 8.28 17.13 -13.86
N MET A 11 9.18 16.24 -14.29
CA MET A 11 8.87 15.17 -15.21
C MET A 11 9.93 14.09 -15.12
N TYR A 12 9.52 12.84 -15.25
CA TYR A 12 10.41 11.70 -15.15
C TYR A 12 10.71 11.19 -16.56
N LYS A 13 12.01 11.01 -16.86
CA LYS A 13 12.43 10.56 -18.18
C LYS A 13 13.65 9.66 -18.04
N LYS A 14 13.74 8.68 -18.94
CA LYS A 14 14.88 7.78 -19.03
C LYS A 14 15.10 7.41 -20.49
N THR A 15 16.37 7.43 -20.92
CA THR A 15 16.75 7.15 -22.29
C THR A 15 17.41 5.78 -22.34
N SER A 16 17.02 4.97 -23.33
CA SER A 16 17.68 3.71 -23.60
C SER A 16 19.12 3.98 -24.02
N ARG A 17 20.06 3.19 -23.49
CA ARG A 17 21.48 3.50 -23.62
C ARG A 17 22.01 3.02 -24.97
N ASP A 18 21.17 3.07 -26.00
CA ASP A 18 21.61 3.01 -27.38
C ASP A 18 21.14 4.26 -28.13
N LYS A 19 20.61 5.23 -27.39
CA LYS A 19 20.12 6.49 -27.93
C LYS A 19 19.04 6.24 -28.98
N ALA A 20 18.26 5.16 -28.81
CA ALA A 20 17.23 4.79 -29.76
C ALA A 20 15.87 5.23 -29.23
N VAL A 21 15.51 4.73 -28.04
CA VAL A 21 14.22 4.96 -27.43
C VAL A 21 14.41 5.79 -26.16
N SER A 22 13.37 6.54 -25.78
CA SER A 22 13.37 7.30 -24.54
C SER A 22 11.92 7.52 -24.08
N VAL A 23 11.68 7.34 -22.78
CA VAL A 23 10.34 7.39 -22.22
C VAL A 23 10.24 8.62 -21.31
N TYR A 24 9.05 9.26 -21.33
CA TYR A 24 8.84 10.51 -20.61
C TYR A 24 7.47 10.47 -19.92
N LEU A 25 7.50 10.51 -18.58
CA LEU A 25 6.30 10.49 -17.76
C LEU A 25 6.23 11.76 -16.93
N GLY A 26 5.00 12.19 -16.62
CA GLY A 26 4.76 13.31 -15.72
C GLY A 26 4.86 12.88 -14.25
N LYS A 27 4.23 11.74 -13.93
CA LYS A 27 4.21 11.20 -12.58
C LYS A 27 4.92 9.85 -12.56
N ARG A 28 5.03 9.27 -11.36
CA ARG A 28 5.31 7.85 -11.19
C ARG A 28 4.23 7.19 -10.32
N ASP A 29 3.45 8.00 -9.61
CA ASP A 29 2.43 7.50 -8.69
C ASP A 29 1.05 7.81 -9.26
N TYR A 30 0.25 6.76 -9.50
CA TYR A 30 -1.04 6.89 -10.13
C TYR A 30 -2.13 6.47 -9.14
N VAL A 31 -3.18 7.30 -9.04
CA VAL A 31 -4.16 7.21 -7.98
C VAL A 31 -5.28 6.25 -8.39
N ASP A 32 -5.44 5.17 -7.62
CA ASP A 32 -6.60 4.30 -7.69
C ASP A 32 -7.70 4.92 -6.82
N HIS A 33 -8.78 5.37 -7.45
CA HIS A 33 -9.87 6.03 -6.75
C HIS A 33 -10.97 5.01 -6.46
N VAL A 34 -10.63 3.72 -6.54
CA VAL A 34 -11.55 2.61 -6.30
C VAL A 34 -12.57 2.53 -7.44
N ASP A 35 -13.31 3.61 -7.67
CA ASP A 35 -14.23 3.70 -8.80
C ASP A 35 -13.45 3.62 -10.11
N SER A 36 -12.33 4.36 -10.19
CA SER A 36 -11.53 4.43 -11.39
C SER A 36 -10.04 4.40 -11.04
N VAL A 37 -9.19 4.49 -12.07
CA VAL A 37 -7.75 4.56 -11.90
C VAL A 37 -7.20 5.59 -12.89
N GLU A 38 -6.17 6.34 -12.46
CA GLU A 38 -5.49 7.28 -13.33
C GLU A 38 -4.69 6.50 -14.38
N PRO A 39 -4.81 6.84 -15.68
CA PRO A 39 -4.01 6.19 -16.73
C PRO A 39 -2.59 6.74 -16.83
N VAL A 40 -1.72 5.95 -17.46
CA VAL A 40 -0.32 6.32 -17.66
C VAL A 40 -0.20 7.07 -18.99
N ASP A 41 -0.55 8.36 -18.99
CA ASP A 41 -0.34 9.23 -20.13
C ASP A 41 1.14 9.60 -20.19
N GLY A 42 1.79 9.26 -21.31
CA GLY A 42 3.22 9.49 -21.47
C GLY A 42 3.60 9.77 -22.91
N VAL A 43 4.91 9.89 -23.16
CA VAL A 43 5.45 10.18 -24.48
C VAL A 43 6.71 9.35 -24.68
N VAL A 44 6.99 8.97 -25.93
CA VAL A 44 8.18 8.20 -26.28
C VAL A 44 8.93 8.93 -27.40
N LEU A 45 10.24 9.07 -27.21
CA LEU A 45 11.11 9.68 -28.21
C LEU A 45 11.79 8.57 -29.02
N VAL A 46 12.06 8.87 -30.30
CA VAL A 46 12.67 7.90 -31.19
C VAL A 46 13.77 8.58 -32.00
N ASP A 47 14.64 7.77 -32.61
CA ASP A 47 15.69 8.24 -33.50
C ASP A 47 15.75 7.32 -34.72
N PRO A 48 14.91 7.57 -35.75
CA PRO A 48 14.79 6.66 -36.90
C PRO A 48 16.10 6.14 -37.50
N ASP A 49 17.15 6.97 -37.47
CA ASP A 49 18.45 6.60 -37.99
C ASP A 49 19.01 5.42 -37.20
N LEU A 50 19.06 5.56 -35.87
CA LEU A 50 19.68 4.57 -35.01
C LEU A 50 18.73 3.39 -34.75
N LEU A 51 17.43 3.57 -35.03
CA LEU A 51 16.47 2.50 -34.86
C LEU A 51 16.85 1.30 -35.74
N LYS A 52 17.39 1.57 -36.93
CA LYS A 52 17.86 0.54 -37.84
C LYS A 52 16.68 -0.26 -38.38
N GLY A 53 15.58 0.44 -38.66
CA GLY A 53 14.38 -0.17 -39.20
C GLY A 53 13.73 -1.16 -38.23
N LYS A 54 13.77 -0.83 -36.93
CA LYS A 54 13.17 -1.64 -35.89
C LYS A 54 11.91 -0.93 -35.37
N LYS A 55 10.93 -1.72 -34.95
CA LYS A 55 9.66 -1.20 -34.45
C LYS A 55 9.75 -1.08 -32.92
N VAL A 56 9.01 -0.09 -32.38
CA VAL A 56 9.07 0.23 -30.96
C VAL A 56 7.68 0.04 -30.36
N TYR A 57 7.64 -0.55 -29.14
CA TYR A 57 6.41 -0.76 -28.41
C TYR A 57 6.60 -0.25 -26.97
N VAL A 58 5.46 -0.07 -26.27
CA VAL A 58 5.47 0.35 -24.88
C VAL A 58 4.56 -0.59 -24.10
N THR A 59 5.01 -1.03 -22.93
CA THR A 59 4.29 -2.00 -22.13
C THR A 59 3.96 -1.43 -20.75
N LEU A 60 2.97 -2.04 -20.09
CA LEU A 60 2.64 -1.78 -18.70
C LEU A 60 2.45 -3.10 -17.98
N THR A 61 3.35 -3.41 -17.04
CA THR A 61 3.42 -4.72 -16.42
C THR A 61 3.22 -4.59 -14.91
N CYS A 62 2.08 -5.09 -14.41
CA CYS A 62 1.88 -5.35 -13.00
C CYS A 62 2.26 -6.80 -12.71
N ALA A 63 2.96 -7.04 -11.60
CA ALA A 63 3.51 -8.37 -11.33
C ALA A 63 3.89 -8.51 -9.86
N PHE A 64 3.55 -9.68 -9.29
CA PHE A 64 4.02 -10.07 -7.97
C PHE A 64 5.40 -10.71 -8.12
N ARG A 65 6.25 -10.52 -7.10
CA ARG A 65 7.58 -11.10 -7.06
C ARG A 65 7.86 -11.61 -5.65
N TYR A 66 8.85 -12.50 -5.54
CA TYR A 66 9.22 -13.09 -4.26
C TYR A 66 10.70 -13.47 -4.32
N GLY A 67 11.49 -12.90 -3.40
CA GLY A 67 12.92 -13.20 -3.32
C GLY A 67 13.76 -11.94 -3.25
N GLN A 68 13.45 -10.96 -4.11
CA GLN A 68 14.23 -9.75 -4.24
C GLN A 68 13.33 -8.52 -4.10
N GLU A 69 13.93 -7.33 -4.19
CA GLU A 69 13.22 -6.08 -4.00
C GLU A 69 12.46 -5.69 -5.27
N ASP A 70 13.17 -5.67 -6.40
CA ASP A 70 12.64 -5.13 -7.65
C ASP A 70 12.30 -6.28 -8.60
N ILE A 71 11.68 -5.94 -9.73
CA ILE A 71 11.43 -6.89 -10.81
C ILE A 71 12.74 -7.20 -11.51
N ASP A 72 13.37 -6.16 -12.06
CA ASP A 72 14.55 -6.31 -12.90
C ASP A 72 15.77 -6.60 -12.02
N VAL A 73 15.84 -7.84 -11.53
CA VAL A 73 16.95 -8.32 -10.73
C VAL A 73 17.11 -9.82 -10.98
N ILE A 74 18.35 -10.30 -11.02
CA ILE A 74 18.64 -11.70 -11.26
C ILE A 74 18.44 -12.47 -9.96
N GLY A 75 17.83 -13.66 -10.06
CA GLY A 75 17.70 -14.58 -8.94
C GLY A 75 16.39 -14.38 -8.17
N LEU A 76 15.27 -14.44 -8.89
CA LEU A 76 13.95 -14.45 -8.27
C LEU A 76 13.58 -15.89 -7.92
N THR A 77 12.82 -16.06 -6.83
CA THR A 77 12.35 -17.35 -6.39
C THR A 77 11.01 -17.66 -7.07
N PHE A 78 10.14 -16.64 -7.17
CA PHE A 78 8.86 -16.76 -7.84
C PHE A 78 8.50 -15.42 -8.49
N ARG A 79 7.78 -15.50 -9.61
CA ARG A 79 7.23 -14.33 -10.28
C ARG A 79 5.93 -14.72 -10.97
N LYS A 80 4.92 -13.84 -10.86
CA LYS A 80 3.63 -14.07 -11.48
C LYS A 80 3.06 -12.73 -11.96
N ASP A 81 3.17 -12.50 -13.27
CA ASP A 81 2.61 -11.31 -13.89
C ASP A 81 1.10 -11.32 -13.68
N LEU A 82 0.55 -10.16 -13.30
CA LEU A 82 -0.87 -10.01 -13.02
C LEU A 82 -1.55 -9.20 -14.12
N TYR A 83 -0.75 -8.54 -14.98
CA TYR A 83 -1.27 -7.78 -16.09
C TYR A 83 -0.17 -7.55 -17.11
N TYR A 84 -0.57 -7.40 -18.38
CA TYR A 84 0.34 -7.04 -19.46
C TYR A 84 -0.43 -6.27 -20.52
N ALA A 85 0.20 -5.23 -21.06
CA ALA A 85 -0.35 -4.47 -22.17
C ALA A 85 0.76 -4.17 -23.17
N ARG A 86 0.37 -3.79 -24.39
CA ARG A 86 1.33 -3.40 -25.41
C ARG A 86 0.66 -2.41 -26.36
N THR A 87 1.46 -1.47 -26.88
CA THR A 87 1.00 -0.46 -27.81
C THR A 87 2.17 -0.03 -28.68
N GLN A 88 2.01 -0.17 -30.00
CA GLN A 88 3.03 0.22 -30.95
C GLN A 88 3.02 1.74 -31.10
N ILE A 89 4.20 2.36 -30.91
CA ILE A 89 4.35 3.80 -30.97
C ILE A 89 5.13 4.20 -32.23
N TYR A 90 5.99 3.29 -32.74
CA TYR A 90 6.70 3.55 -33.97
C TYR A 90 7.03 2.22 -34.67
N PRO A 91 6.83 2.10 -36.01
CA PRO A 91 6.06 3.08 -36.79
C PRO A 91 4.62 3.19 -36.27
N PRO A 92 4.06 4.42 -36.16
CA PRO A 92 2.80 4.62 -35.45
C PRO A 92 1.56 4.17 -36.21
N VAL A 93 0.83 3.21 -35.63
CA VAL A 93 -0.54 2.95 -36.05
C VAL A 93 -1.33 4.24 -35.80
N GLU A 94 -1.83 4.83 -36.89
CA GLU A 94 -2.23 6.23 -36.90
C GLU A 94 -3.51 6.40 -36.09
N ASP A 95 -3.34 6.63 -34.78
CA ASP A 95 -4.45 6.87 -33.86
C ASP A 95 -4.27 8.25 -33.22
N PRO A 96 -4.73 9.34 -33.87
CA PRO A 96 -4.54 10.69 -33.34
C PRO A 96 -5.58 11.05 -32.29
N LYS A 97 -5.33 10.60 -31.05
CA LYS A 97 -6.21 10.87 -29.93
C LYS A 97 -5.82 12.20 -29.30
N ALA A 98 -6.72 12.76 -28.48
CA ALA A 98 -6.49 14.05 -27.83
C ALA A 98 -5.44 13.89 -26.74
N LEU A 99 -4.45 14.78 -26.76
CA LEU A 99 -3.35 14.75 -25.81
C LEU A 99 -3.79 15.41 -24.50
N THR A 100 -3.34 14.85 -23.37
CA THR A 100 -3.58 15.44 -22.06
C THR A 100 -2.67 16.66 -21.90
N LYS A 101 -2.97 17.48 -20.89
CA LYS A 101 -2.22 18.70 -20.62
C LYS A 101 -0.77 18.36 -20.29
N VAL A 102 -0.55 17.19 -19.70
CA VAL A 102 0.78 16.72 -19.34
C VAL A 102 1.53 16.29 -20.60
N GLN A 103 0.81 15.65 -21.53
CA GLN A 103 1.41 15.14 -22.76
C GLN A 103 1.82 16.30 -23.68
N GLU A 104 1.15 17.44 -23.54
CA GLU A 104 1.52 18.64 -24.28
C GLU A 104 2.91 19.11 -23.83
N ARG A 105 3.10 19.23 -22.51
CA ARG A 105 4.32 19.76 -21.93
C ARG A 105 5.53 18.96 -22.43
N LEU A 106 5.41 17.63 -22.43
CA LEU A 106 6.51 16.75 -22.77
C LEU A 106 6.80 16.78 -24.27
N MET A 107 5.77 17.04 -25.08
CA MET A 107 5.87 16.91 -26.53
C MET A 107 6.59 18.12 -27.12
N LYS A 108 6.23 19.32 -26.67
CA LYS A 108 6.75 20.56 -27.26
C LYS A 108 8.27 20.60 -27.14
N LYS A 109 8.77 20.30 -25.93
CA LYS A 109 10.19 20.42 -25.61
C LYS A 109 11.03 19.53 -26.53
N LEU A 110 10.52 18.33 -26.84
CA LEU A 110 11.27 17.33 -27.58
C LEU A 110 11.30 17.68 -29.07
N GLY A 111 10.12 17.67 -29.71
CA GLY A 111 10.01 18.03 -31.11
C GLY A 111 9.14 17.05 -31.91
N ASN A 112 9.65 16.64 -33.08
CA ASN A 112 8.87 15.94 -34.08
C ASN A 112 8.83 14.44 -33.81
N ASN A 113 9.84 13.94 -33.08
CA ASN A 113 10.01 12.50 -32.88
C ASN A 113 9.36 12.07 -31.56
N ALA A 114 8.39 12.86 -31.07
CA ALA A 114 7.73 12.59 -29.80
C ALA A 114 6.33 12.03 -30.06
N PHE A 115 6.11 10.76 -29.70
CA PHE A 115 4.87 10.05 -30.01
C PHE A 115 4.15 9.72 -28.71
N PRO A 116 3.00 10.38 -28.40
CA PRO A 116 2.23 10.10 -27.19
C PRO A 116 1.64 8.70 -27.13
N PHE A 117 1.26 8.29 -25.91
CA PHE A 117 0.62 7.00 -25.67
C PHE A 117 -0.16 7.06 -24.36
N VAL A 118 -1.10 6.12 -24.19
CA VAL A 118 -1.90 6.03 -22.98
C VAL A 118 -2.15 4.55 -22.67
N LEU A 119 -1.52 4.05 -21.61
CA LEU A 119 -1.77 2.70 -21.12
C LEU A 119 -2.75 2.78 -19.95
N GLU A 120 -3.80 1.94 -19.99
CA GLU A 120 -4.85 1.98 -18.99
C GLU A 120 -4.55 1.02 -17.85
N PHE A 121 -5.27 1.19 -16.74
CA PHE A 121 -5.18 0.31 -15.58
C PHE A 121 -6.51 -0.44 -15.41
N PRO A 122 -6.50 -1.78 -15.28
CA PRO A 122 -7.68 -2.52 -14.84
C PRO A 122 -8.08 -2.19 -13.40
N ASP A 123 -9.26 -2.66 -13.00
CA ASP A 123 -9.77 -2.41 -11.66
C ASP A 123 -9.66 -3.68 -10.80
N PHE A 124 -9.13 -4.77 -11.38
CA PHE A 124 -8.98 -6.03 -10.68
C PHE A 124 -7.58 -6.16 -10.09
N LEU A 125 -6.69 -5.20 -10.39
CA LEU A 125 -5.32 -5.22 -9.91
C LEU A 125 -5.26 -4.63 -8.50
N PRO A 126 -4.27 -5.04 -7.67
CA PRO A 126 -4.03 -4.41 -6.39
C PRO A 126 -3.26 -3.10 -6.55
N CYS A 127 -2.95 -2.46 -5.41
CA CYS A 127 -2.07 -1.31 -5.40
C CYS A 127 -0.66 -1.76 -5.06
N SER A 128 0.31 -0.82 -5.09
CA SER A 128 1.69 -1.15 -4.81
C SER A 128 1.84 -1.52 -3.34
N VAL A 129 2.56 -2.62 -3.09
CA VAL A 129 2.81 -3.09 -1.74
C VAL A 129 4.14 -3.84 -1.75
N SER A 130 4.87 -3.74 -0.63
CA SER A 130 6.15 -4.40 -0.48
C SER A 130 6.34 -4.83 0.97
N LEU A 131 6.98 -5.99 1.15
CA LEU A 131 7.32 -6.50 2.47
C LEU A 131 8.83 -6.44 2.64
N GLN A 132 9.30 -5.51 3.49
CA GLN A 132 10.71 -5.43 3.82
C GLN A 132 11.04 -6.57 4.78
N PRO A 133 11.94 -7.50 4.40
CA PRO A 133 12.24 -8.66 5.24
C PRO A 133 13.23 -8.31 6.35
N ALA A 134 13.34 -9.21 7.34
CA ALA A 134 14.34 -9.08 8.39
C ALA A 134 15.73 -9.31 7.78
N PRO A 135 16.79 -8.66 8.30
CA PRO A 135 18.15 -8.88 7.79
C PRO A 135 18.52 -10.36 7.69
N SER A 136 18.16 -11.13 8.72
CA SER A 136 18.43 -12.56 8.76
C SER A 136 17.61 -13.29 7.69
N ASP A 137 16.32 -12.95 7.60
CA ASP A 137 15.40 -13.63 6.69
C ASP A 137 15.25 -12.83 5.40
N VAL A 138 16.37 -12.36 4.84
CA VAL A 138 16.36 -11.73 3.52
C VAL A 138 16.09 -12.83 2.49
N GLY A 139 15.03 -12.62 1.70
CA GLY A 139 14.51 -13.67 0.82
C GLY A 139 13.01 -13.86 1.00
N LYS A 140 12.51 -13.47 2.18
CA LYS A 140 11.07 -13.39 2.43
C LYS A 140 10.49 -12.20 1.66
N ALA A 141 11.36 -11.26 1.25
CA ALA A 141 10.97 -10.10 0.46
C ALA A 141 9.99 -10.50 -0.64
N CYS A 142 8.90 -9.75 -0.75
CA CYS A 142 7.89 -9.98 -1.77
C CYS A 142 6.99 -8.75 -1.88
N GLY A 143 6.10 -8.77 -2.88
CA GLY A 143 5.14 -7.70 -3.07
C GLY A 143 4.83 -7.48 -4.54
N VAL A 144 3.92 -6.53 -4.80
CA VAL A 144 3.47 -6.20 -6.14
C VAL A 144 4.28 -5.00 -6.65
N ASP A 145 4.69 -5.07 -7.92
CA ASP A 145 5.43 -4.00 -8.57
C ASP A 145 4.71 -3.58 -9.84
N PHE A 146 5.11 -2.42 -10.37
CA PHE A 146 4.62 -1.92 -11.65
C PHE A 146 5.79 -1.35 -12.45
N GLU A 147 5.70 -1.44 -13.78
CA GLU A 147 6.81 -1.11 -14.65
C GLU A 147 6.30 -0.69 -16.02
N ILE A 148 6.64 0.54 -16.41
CA ILE A 148 6.54 0.98 -17.80
C ILE A 148 7.87 0.63 -18.47
N LYS A 149 7.79 0.11 -19.70
CA LYS A 149 8.97 -0.33 -20.42
C LYS A 149 8.77 -0.13 -21.92
N ALA A 150 9.80 0.42 -22.57
CA ALA A 150 9.82 0.61 -24.02
C ALA A 150 11.09 -0.02 -24.58
N PHE A 151 11.02 -0.47 -25.84
CA PHE A 151 12.12 -1.20 -26.47
C PHE A 151 11.93 -1.24 -27.98
N SER A 152 13.05 -1.36 -28.71
CA SER A 152 13.06 -1.50 -30.15
C SER A 152 13.29 -2.96 -30.53
N THR A 153 12.54 -3.45 -31.52
CA THR A 153 12.61 -4.85 -31.93
C THR A 153 12.12 -5.00 -33.37
N ASN A 154 12.45 -6.15 -33.96
CA ASN A 154 12.01 -6.50 -35.31
C ASN A 154 10.84 -7.48 -35.20
N ASN A 155 11.10 -8.66 -34.61
CA ASN A 155 10.11 -9.69 -34.43
C ASN A 155 9.56 -9.61 -33.00
N LEU A 156 8.44 -10.32 -32.78
CA LEU A 156 7.70 -10.24 -31.53
C LEU A 156 8.19 -11.29 -30.53
N GLU A 157 9.08 -12.19 -30.98
CA GLU A 157 9.61 -13.25 -30.14
C GLU A 157 11.14 -13.25 -30.20
N ASP A 158 11.73 -12.12 -29.78
CA ASP A 158 13.18 -11.95 -29.75
C ASP A 158 13.62 -11.58 -28.34
N ARG A 159 14.91 -11.85 -28.06
CA ARG A 159 15.56 -11.36 -26.85
C ARG A 159 15.77 -9.85 -26.98
N ILE A 160 15.15 -9.08 -26.08
CA ILE A 160 15.34 -7.64 -26.04
C ILE A 160 16.73 -7.37 -25.47
N HIS A 161 17.53 -6.59 -26.20
CA HIS A 161 18.94 -6.38 -25.85
C HIS A 161 19.03 -5.45 -24.64
N LYS A 162 20.24 -5.38 -24.06
CA LYS A 162 20.48 -4.62 -22.84
C LYS A 162 20.13 -3.15 -23.06
N LYS A 163 20.67 -2.57 -24.14
CA LYS A 163 20.65 -1.13 -24.34
C LYS A 163 19.46 -0.71 -25.20
N ASN A 164 18.71 -1.67 -25.75
CA ASN A 164 17.54 -1.38 -26.55
C ASN A 164 16.39 -0.93 -25.65
N SER A 165 16.22 -1.63 -24.52
CA SER A 165 15.08 -1.42 -23.64
C SER A 165 15.29 -0.18 -22.77
N VAL A 166 14.21 0.23 -22.07
CA VAL A 166 14.26 1.27 -21.07
C VAL A 166 13.08 1.04 -20.12
N ARG A 167 13.34 1.12 -18.80
CA ARG A 167 12.39 0.68 -17.79
C ARG A 167 12.24 1.74 -16.70
N LEU A 168 10.99 2.12 -16.42
CA LEU A 168 10.66 3.02 -15.33
C LEU A 168 9.77 2.28 -14.32
N MET A 169 10.24 2.17 -13.08
CA MET A 169 9.46 1.59 -12.00
C MET A 169 8.44 2.62 -11.51
N ILE A 170 7.14 2.33 -11.68
CA ILE A 170 6.07 3.22 -11.26
C ILE A 170 5.32 2.56 -10.10
N ARG A 171 4.35 3.30 -9.54
CA ARG A 171 3.59 2.84 -8.39
C ARG A 171 2.09 3.09 -8.61
N LYS A 172 1.28 2.29 -7.93
CA LYS A 172 -0.16 2.45 -7.91
C LYS A 172 -0.60 2.62 -6.45
N ILE A 173 -1.20 3.78 -6.14
CA ILE A 173 -1.57 4.13 -4.78
C ILE A 173 -3.08 4.35 -4.72
N GLN A 174 -3.67 4.09 -3.55
CA GLN A 174 -5.12 4.01 -3.42
C GLN A 174 -5.63 5.16 -2.55
N TYR A 175 -6.65 5.88 -3.08
CA TYR A 175 -7.38 6.86 -2.29
C TYR A 175 -8.88 6.56 -2.39
N ALA A 176 -9.62 6.99 -1.35
CA ALA A 176 -11.07 7.02 -1.37
C ALA A 176 -11.55 8.06 -0.36
N PRO A 177 -12.76 8.64 -0.53
CA PRO A 177 -13.27 9.65 0.41
C PRO A 177 -13.71 9.04 1.73
N ASP A 178 -13.50 9.80 2.82
CA ASP A 178 -13.78 9.32 4.17
C ASP A 178 -15.19 9.73 4.60
N GLN A 179 -15.71 10.83 4.02
CA GLN A 179 -17.08 11.26 4.25
C GLN A 179 -17.90 11.05 2.97
N PRO A 180 -19.24 10.90 3.06
CA PRO A 180 -19.95 10.78 4.35
C PRO A 180 -19.80 9.38 4.92
N GLY A 181 -19.60 9.29 6.24
CA GLY A 181 -19.30 8.04 6.90
C GLY A 181 -19.86 7.96 8.32
N PRO A 182 -20.09 6.74 8.85
CA PRO A 182 -20.57 6.55 10.23
C PRO A 182 -19.45 6.57 11.26
N LYS A 183 -19.82 6.28 12.52
CA LYS A 183 -18.87 6.21 13.63
C LYS A 183 -18.84 4.78 14.18
N PRO A 184 -17.75 4.01 13.94
CA PRO A 184 -17.62 2.67 14.49
C PRO A 184 -17.56 2.67 16.02
N ARG A 185 -18.35 1.78 16.64
CA ARG A 185 -18.38 1.64 18.09
C ARG A 185 -18.27 0.16 18.45
N ALA A 186 -17.79 -0.10 19.68
CA ALA A 186 -17.68 -1.45 20.19
C ALA A 186 -17.87 -1.45 21.70
N GLU A 187 -19.07 -1.86 22.15
CA GLU A 187 -19.31 -2.20 23.53
C GLU A 187 -18.83 -3.63 23.77
N THR A 188 -18.43 -3.93 25.01
CA THR A 188 -18.07 -5.28 25.40
C THR A 188 -18.09 -5.38 26.93
N SER A 189 -18.52 -6.55 27.44
CA SER A 189 -18.74 -6.73 28.86
C SER A 189 -18.26 -8.11 29.29
N TRP A 190 -17.17 -8.16 30.06
CA TRP A 190 -16.61 -9.40 30.55
C TRP A 190 -17.22 -9.72 31.92
N GLN A 191 -17.59 -10.99 32.11
CA GLN A 191 -18.19 -11.47 33.35
C GLN A 191 -17.39 -12.67 33.84
N PHE A 192 -16.28 -12.39 34.54
CA PHE A 192 -15.54 -13.41 35.27
C PHE A 192 -16.16 -13.56 36.66
N PHE A 193 -15.88 -14.68 37.32
CA PHE A 193 -16.22 -14.87 38.72
C PHE A 193 -17.72 -15.19 38.86
N MET A 194 -18.10 -15.58 40.08
CA MET A 194 -19.50 -15.80 40.42
C MET A 194 -20.24 -14.46 40.42
N SER A 195 -21.58 -14.53 40.43
CA SER A 195 -22.44 -13.35 40.45
C SER A 195 -22.38 -12.65 39.09
N ASP A 196 -22.89 -11.40 39.04
CA ASP A 196 -22.95 -10.63 37.81
C ASP A 196 -22.36 -9.25 38.06
N LYS A 197 -21.04 -9.16 37.97
CA LYS A 197 -20.32 -7.90 38.10
C LYS A 197 -19.40 -7.71 36.90
N PRO A 198 -19.82 -6.94 35.88
CA PRO A 198 -19.10 -6.89 34.60
C PRO A 198 -18.01 -5.83 34.54
N LEU A 199 -16.98 -6.11 33.72
CA LEU A 199 -16.00 -5.11 33.31
C LEU A 199 -16.42 -4.57 31.95
N HIS A 200 -16.95 -3.34 31.94
CA HIS A 200 -17.45 -2.71 30.72
C HIS A 200 -16.34 -1.95 30.03
N LEU A 201 -16.20 -2.15 28.71
CA LEU A 201 -15.28 -1.38 27.88
C LEU A 201 -16.03 -0.92 26.63
N THR A 202 -15.74 0.31 26.19
CA THR A 202 -16.41 0.92 25.07
C THR A 202 -15.43 1.80 24.29
N ALA A 203 -14.92 1.26 23.16
CA ALA A 203 -14.06 1.99 22.25
C ALA A 203 -14.90 2.45 21.06
N SER A 204 -14.49 3.57 20.44
CA SER A 204 -15.23 4.14 19.32
C SER A 204 -14.34 5.02 18.46
N LEU A 205 -14.72 5.17 17.19
CA LEU A 205 -13.98 5.98 16.22
C LEU A 205 -14.90 7.06 15.65
N SER A 206 -14.28 8.08 15.06
CA SER A 206 -14.99 9.18 14.44
C SER A 206 -15.37 8.84 13.00
N LYS A 207 -14.59 7.96 12.36
CA LYS A 207 -14.83 7.58 10.98
C LYS A 207 -14.12 6.26 10.69
N GLU A 208 -14.39 5.69 9.51
CA GLU A 208 -13.93 4.35 9.17
C GLU A 208 -12.68 4.42 8.28
N VAL A 209 -12.55 5.48 7.49
CA VAL A 209 -11.40 5.66 6.60
C VAL A 209 -10.43 6.63 7.26
N PHE A 210 -9.13 6.36 7.08
CA PHE A 210 -8.05 7.21 7.59
C PHE A 210 -6.92 7.24 6.57
N TYR A 211 -6.14 8.32 6.62
CA TYR A 211 -5.08 8.56 5.66
C TYR A 211 -3.74 8.63 6.39
N HIS A 212 -2.66 8.34 5.67
CA HIS A 212 -1.32 8.43 6.21
C HIS A 212 -1.09 9.85 6.71
N GLY A 213 -0.64 9.99 7.97
CA GLY A 213 -0.34 11.28 8.55
C GLY A 213 -1.43 11.77 9.51
N GLU A 214 -2.63 11.19 9.39
CA GLU A 214 -3.78 11.62 10.16
C GLU A 214 -3.78 10.91 11.52
N PRO A 215 -3.83 11.65 12.66
CA PRO A 215 -4.07 11.04 13.97
C PRO A 215 -5.42 10.34 14.04
N ILE A 216 -5.46 9.23 14.78
CA ILE A 216 -6.65 8.40 14.90
C ILE A 216 -7.13 8.44 16.34
N THR A 217 -8.21 9.19 16.59
CA THR A 217 -8.73 9.38 17.93
C THR A 217 -9.64 8.22 18.31
N VAL A 218 -9.36 7.60 19.47
CA VAL A 218 -10.13 6.49 19.98
C VAL A 218 -10.66 6.86 21.36
N SER A 219 -11.97 7.09 21.46
CA SER A 219 -12.62 7.39 22.73
C SER A 219 -12.86 6.08 23.49
N VAL A 220 -12.18 5.93 24.64
CA VAL A 220 -12.30 4.76 25.49
C VAL A 220 -13.17 5.12 26.69
N SER A 221 -13.95 4.14 27.17
CA SER A 221 -14.90 4.37 28.25
C SER A 221 -15.08 3.09 29.07
N VAL A 222 -14.34 2.99 30.18
CA VAL A 222 -14.36 1.81 31.04
C VAL A 222 -15.29 2.07 32.22
N THR A 223 -16.01 1.02 32.64
CA THR A 223 -16.82 1.04 33.84
C THR A 223 -16.61 -0.28 34.59
N ASN A 224 -15.78 -0.21 35.64
CA ASN A 224 -15.34 -1.39 36.38
C ASN A 224 -16.27 -1.62 37.56
N LYS A 225 -17.12 -2.65 37.46
CA LYS A 225 -18.06 -3.00 38.51
C LYS A 225 -17.50 -4.16 39.34
N SER A 226 -16.48 -4.85 38.79
CA SER A 226 -15.88 -6.00 39.45
C SER A 226 -15.03 -5.56 40.64
N ASP A 227 -14.68 -6.53 41.50
CA ASP A 227 -13.90 -6.26 42.70
C ASP A 227 -12.46 -5.93 42.33
N LYS A 228 -12.00 -6.44 41.18
CA LYS A 228 -10.60 -6.36 40.79
C LYS A 228 -10.33 -5.03 40.11
N THR A 229 -9.05 -4.66 40.07
CA THR A 229 -8.59 -3.36 39.60
C THR A 229 -8.00 -3.50 38.19
N VAL A 230 -8.12 -2.42 37.41
CA VAL A 230 -7.48 -2.34 36.10
C VAL A 230 -6.19 -1.56 36.26
N LYS A 231 -5.05 -2.23 35.99
CA LYS A 231 -3.74 -1.66 36.26
C LYS A 231 -3.28 -0.78 35.10
N LYS A 232 -3.56 -1.22 33.86
CA LYS A 232 -3.13 -0.49 32.68
C LYS A 232 -4.24 -0.51 31.62
N ILE A 233 -4.30 0.56 30.82
CA ILE A 233 -5.12 0.61 29.62
C ILE A 233 -4.22 1.04 28.47
N SER A 234 -4.42 0.42 27.30
CA SER A 234 -3.54 0.65 26.16
C SER A 234 -4.32 0.56 24.85
N ALA A 235 -4.05 1.50 23.95
CA ALA A 235 -4.67 1.55 22.63
C ALA A 235 -3.58 1.47 21.58
N SER A 236 -3.75 0.58 20.59
CA SER A 236 -2.72 0.29 19.62
C SER A 236 -3.30 0.21 18.21
N VAL A 237 -2.42 0.31 17.21
CA VAL A 237 -2.76 0.04 15.81
C VAL A 237 -1.96 -1.18 15.35
N GLU A 238 -2.67 -2.24 14.96
CA GLU A 238 -2.03 -3.47 14.50
C GLU A 238 -2.19 -3.58 12.99
N GLN A 239 -1.08 -3.88 12.30
CA GLN A 239 -1.08 -4.15 10.88
C GLN A 239 -0.86 -5.65 10.67
N VAL A 240 -1.82 -6.31 10.03
CA VAL A 240 -1.71 -7.72 9.69
C VAL A 240 -1.45 -7.84 8.20
N SER A 241 -0.48 -8.70 7.83
CA SER A 241 -0.12 -8.93 6.44
C SER A 241 -0.24 -10.42 6.13
N ASN A 242 -0.95 -10.73 5.04
CA ASN A 242 -1.13 -12.10 4.58
C ASN A 242 -0.68 -12.22 3.13
N VAL A 243 0.42 -12.97 2.92
CA VAL A 243 0.90 -13.29 1.59
C VAL A 243 0.04 -14.43 1.04
N VAL A 244 -0.33 -14.32 -0.25
CA VAL A 244 -1.28 -15.24 -0.85
C VAL A 244 -0.73 -15.77 -2.18
N LEU A 245 0.61 -15.85 -2.28
CA LEU A 245 1.27 -16.45 -3.43
C LEU A 245 2.58 -17.09 -2.98
N TYR A 246 2.96 -18.17 -3.69
CA TYR A 246 4.17 -18.94 -3.41
C TYR A 246 4.15 -19.48 -1.98
N SER A 247 4.76 -18.75 -1.04
CA SER A 247 5.04 -19.27 0.30
C SER A 247 3.80 -19.18 1.18
N SER A 248 3.14 -18.01 1.15
CA SER A 248 1.94 -17.74 1.94
C SER A 248 2.32 -17.65 3.42
N ASP A 249 3.07 -16.58 3.76
CA ASP A 249 3.49 -16.31 5.12
C ASP A 249 2.47 -15.38 5.78
N TYR A 250 2.66 -15.15 7.09
CA TYR A 250 1.78 -14.29 7.87
C TYR A 250 2.63 -13.43 8.81
N TYR A 251 2.28 -12.14 8.90
CA TYR A 251 2.99 -11.18 9.73
C TYR A 251 1.97 -10.30 10.46
N ILE A 252 2.39 -9.80 11.63
CA ILE A 252 1.58 -8.88 12.41
C ILE A 252 2.52 -7.93 13.15
N LYS A 253 2.20 -6.63 13.14
CA LYS A 253 3.05 -5.61 13.73
C LYS A 253 2.18 -4.53 14.39
N THR A 254 2.63 -4.08 15.57
CA THR A 254 2.06 -2.90 16.21
C THR A 254 2.74 -1.67 15.63
N VAL A 255 1.98 -0.88 14.88
CA VAL A 255 2.54 0.26 14.14
C VAL A 255 2.31 1.56 14.91
N ALA A 256 1.51 1.50 15.99
CA ALA A 256 1.31 2.65 16.86
C ALA A 256 0.75 2.18 18.19
N LEU A 257 1.13 2.87 19.27
CA LEU A 257 0.81 2.44 20.63
C LEU A 257 0.85 3.62 21.58
N GLU A 258 -0.12 3.65 22.50
CA GLU A 258 -0.22 4.67 23.53
C GLU A 258 -0.83 4.00 24.77
N GLU A 259 -0.11 4.07 25.90
CA GLU A 259 -0.51 3.39 27.12
C GLU A 259 -1.00 4.39 28.15
N SER A 260 -1.77 3.88 29.13
CA SER A 260 -2.29 4.66 30.24
C SER A 260 -2.12 3.86 31.53
N ASN A 261 -1.10 4.21 32.30
CA ASN A 261 -0.73 3.47 33.50
C ASN A 261 -1.59 3.90 34.68
N GLU A 262 -2.64 4.71 34.41
CA GLU A 262 -3.58 5.14 35.43
C GLU A 262 -4.43 3.94 35.87
N LYS A 263 -4.69 3.85 37.18
CA LYS A 263 -5.43 2.74 37.75
C LYS A 263 -6.93 3.00 37.60
N VAL A 264 -7.71 1.93 37.47
CA VAL A 264 -9.17 2.01 37.43
C VAL A 264 -9.72 0.95 38.38
N PRO A 265 -9.83 1.24 39.69
CA PRO A 265 -10.24 0.25 40.68
C PRO A 265 -11.74 -0.08 40.61
N SER A 266 -12.20 -0.92 41.54
CA SER A 266 -13.58 -1.36 41.59
C SER A 266 -14.52 -0.17 41.78
N LYS A 267 -15.71 -0.29 41.18
CA LYS A 267 -16.78 0.69 41.32
C LYS A 267 -16.39 2.03 40.71
N ALA A 268 -15.42 2.01 39.78
CA ALA A 268 -14.89 3.24 39.19
C ALA A 268 -15.16 3.24 37.68
N SER A 269 -14.91 4.39 37.05
CA SER A 269 -15.15 4.58 35.63
C SER A 269 -14.03 5.41 35.01
N TYR A 270 -13.68 5.09 33.76
CA TYR A 270 -12.58 5.72 33.05
C TYR A 270 -13.09 6.26 31.71
N ASN A 271 -12.61 7.46 31.35
CA ASN A 271 -12.97 8.10 30.08
C ASN A 271 -11.77 8.89 29.56
N HIS A 272 -11.27 8.51 28.38
CA HIS A 272 -10.15 9.21 27.75
C HIS A 272 -10.15 8.90 26.26
N THR A 273 -9.70 9.89 25.47
CA THR A 273 -9.56 9.74 24.03
C THR A 273 -8.08 9.64 23.68
N PHE A 274 -7.67 8.45 23.20
CA PHE A 274 -6.30 8.21 22.78
C PHE A 274 -6.09 8.75 21.36
N SER A 275 -4.87 9.19 21.07
CA SER A 275 -4.50 9.68 19.75
C SER A 275 -3.37 8.83 19.18
N LEU A 276 -3.72 7.93 18.25
CA LEU A 276 -2.77 7.02 17.64
C LEU A 276 -2.41 7.52 16.24
N LEU A 277 -1.13 7.36 15.88
CA LEU A 277 -0.58 7.93 14.66
C LEU A 277 0.35 6.93 13.99
N PRO A 278 -0.19 5.96 13.22
CA PRO A 278 0.64 4.97 12.53
C PRO A 278 1.34 5.52 11.29
N LEU A 279 2.62 5.87 11.45
CA LEU A 279 3.47 6.31 10.35
C LEU A 279 4.72 5.42 10.28
N LEU A 280 5.31 5.36 9.08
CA LEU A 280 6.54 4.61 8.86
C LEU A 280 7.70 5.26 9.60
N ALA A 281 7.62 6.59 9.79
CA ALA A 281 8.63 7.35 10.49
C ALA A 281 8.98 6.72 11.83
N TYR A 282 7.94 6.27 12.57
CA TYR A 282 8.13 5.69 13.89
C TYR A 282 8.25 4.16 13.83
N ASN A 283 8.39 3.61 12.62
CA ASN A 283 8.44 2.17 12.43
C ASN A 283 9.54 1.81 11.42
N ARG A 284 10.57 2.66 11.31
CA ARG A 284 11.63 2.45 10.35
C ARG A 284 12.46 1.22 10.74
N GLU A 285 12.76 1.11 12.03
CA GLU A 285 13.56 0.03 12.57
C GLU A 285 12.83 -1.31 12.42
N LYS A 286 11.49 -1.28 12.44
CA LYS A 286 10.69 -2.49 12.34
C LYS A 286 10.84 -3.11 10.95
N ARG A 287 11.01 -4.44 10.94
CA ARG A 287 11.13 -5.20 9.70
C ARG A 287 9.92 -6.14 9.59
N GLU A 288 9.80 -6.80 8.44
CA GLU A 288 8.66 -7.65 8.13
C GLU A 288 7.38 -6.85 8.24
N ILE A 289 7.36 -5.68 7.60
CA ILE A 289 6.25 -4.74 7.67
C ILE A 289 5.82 -4.40 6.24
N ALA A 290 4.52 -4.20 6.05
CA ALA A 290 3.96 -3.95 4.74
C ALA A 290 4.05 -2.46 4.43
N LEU A 291 4.85 -2.12 3.40
CA LEU A 291 5.01 -0.75 2.94
C LEU A 291 4.42 -0.64 1.54
N ASP A 292 4.16 0.61 1.09
CA ASP A 292 3.67 0.86 -0.25
C ASP A 292 4.82 1.28 -1.16
N GLY A 293 6.00 0.68 -0.97
CA GLY A 293 7.18 1.01 -1.74
C GLY A 293 8.46 0.58 -1.03
N LYS A 294 9.61 1.00 -1.57
CA LYS A 294 10.90 0.66 -1.00
C LYS A 294 11.16 1.58 0.20
N LEU A 295 11.95 1.08 1.15
CA LEU A 295 12.18 1.78 2.41
C LEU A 295 13.05 3.02 2.17
N LYS A 296 14.04 2.89 1.28
CA LYS A 296 15.03 3.93 1.03
C LYS A 296 14.37 5.16 0.41
N HIS A 297 13.30 4.96 -0.36
CA HIS A 297 12.57 6.07 -0.96
C HIS A 297 11.89 6.89 0.14
N GLU A 298 11.71 8.19 -0.13
CA GLU A 298 11.18 9.13 0.84
C GLU A 298 9.66 9.14 0.81
N ASP A 299 9.08 8.84 -0.35
CA ASP A 299 7.65 8.95 -0.58
C ASP A 299 6.92 7.69 -0.10
N THR A 300 7.67 6.72 0.45
CA THR A 300 7.12 5.48 0.96
C THR A 300 6.39 5.71 2.28
N ASN A 301 5.29 4.99 2.47
CA ASN A 301 4.55 4.94 3.72
C ASN A 301 4.28 3.48 4.08
N LEU A 302 3.50 3.26 5.14
CA LEU A 302 2.90 1.96 5.40
C LEU A 302 1.95 1.62 4.26
N ALA A 303 1.80 0.33 3.98
CA ALA A 303 0.92 -0.15 2.92
C ALA A 303 -0.52 0.22 3.23
N SER A 304 -1.32 0.48 2.18
CA SER A 304 -2.72 0.81 2.32
C SER A 304 -3.50 -0.46 2.68
N SER A 305 -4.76 -0.27 3.11
CA SER A 305 -5.66 -1.38 3.37
C SER A 305 -6.04 -2.05 2.04
N THR A 306 -5.76 -3.35 1.92
CA THR A 306 -6.25 -4.13 0.80
C THR A 306 -7.76 -4.27 0.93
N LEU A 307 -8.46 -4.29 -0.21
CA LEU A 307 -9.91 -4.48 -0.21
C LEU A 307 -10.30 -5.44 -1.33
N LEU A 308 -11.12 -6.44 -0.98
CA LEU A 308 -11.51 -7.51 -1.87
C LEU A 308 -12.99 -7.38 -2.20
N LYS A 309 -13.32 -7.31 -3.50
CA LYS A 309 -14.68 -7.08 -3.94
C LYS A 309 -15.35 -8.41 -4.29
N GLU A 310 -16.61 -8.55 -3.86
CA GLU A 310 -17.45 -9.70 -4.19
C GLU A 310 -16.76 -10.98 -3.74
N GLY A 311 -16.15 -11.69 -4.70
CA GLY A 311 -15.45 -12.94 -4.43
C GLY A 311 -14.24 -13.09 -5.35
N THR A 312 -13.44 -12.02 -5.40
CA THR A 312 -12.26 -11.96 -6.26
C THR A 312 -11.26 -13.01 -5.79
N ASP A 313 -10.47 -13.53 -6.73
CA ASP A 313 -9.37 -14.42 -6.41
C ASP A 313 -8.39 -13.65 -5.52
N ARG A 314 -8.24 -14.14 -4.27
CA ARG A 314 -7.41 -13.48 -3.27
C ARG A 314 -5.95 -13.48 -3.71
N THR A 315 -5.53 -14.53 -4.44
CA THR A 315 -4.14 -14.71 -4.84
C THR A 315 -3.70 -13.65 -5.84
N VAL A 316 -4.66 -12.90 -6.39
CA VAL A 316 -4.38 -11.82 -7.33
C VAL A 316 -3.72 -10.65 -6.60
N MET A 317 -4.21 -10.35 -5.39
CA MET A 317 -3.83 -9.14 -4.67
C MET A 317 -2.37 -9.21 -4.23
N GLY A 318 -1.87 -10.43 -4.02
CA GLY A 318 -0.46 -10.64 -3.71
C GLY A 318 -0.20 -10.64 -2.21
N ILE A 319 -0.52 -9.51 -1.56
CA ILE A 319 -0.50 -9.41 -0.11
C ILE A 319 -1.81 -8.78 0.35
N LEU A 320 -2.36 -9.32 1.45
CA LEU A 320 -3.56 -8.79 2.07
C LEU A 320 -3.16 -8.05 3.35
N VAL A 321 -3.24 -6.71 3.30
CA VAL A 321 -2.89 -5.87 4.44
C VAL A 321 -4.19 -5.31 5.02
N ASP A 322 -4.35 -5.45 6.35
CA ASP A 322 -5.49 -4.88 7.06
C ASP A 322 -4.98 -4.25 8.35
N TYR A 323 -5.72 -3.23 8.82
CA TYR A 323 -5.40 -2.52 10.05
C TYR A 323 -6.58 -2.60 11.01
N LYS A 324 -6.28 -2.56 12.31
CA LYS A 324 -7.31 -2.55 13.34
C LYS A 324 -6.82 -1.75 14.54
N ILE A 325 -7.77 -1.07 15.20
CA ILE A 325 -7.56 -0.52 16.53
C ILE A 325 -7.74 -1.65 17.53
N LYS A 326 -6.95 -1.62 18.61
CA LYS A 326 -7.07 -2.59 19.70
C LYS A 326 -6.86 -1.87 21.02
N VAL A 327 -7.86 -1.93 21.90
CA VAL A 327 -7.76 -1.41 23.25
C VAL A 327 -7.69 -2.59 24.21
N THR A 328 -6.70 -2.57 25.10
CA THR A 328 -6.42 -3.70 25.98
C THR A 328 -6.42 -3.25 27.44
N LEU A 329 -7.27 -3.90 28.25
CA LEU A 329 -7.27 -3.72 29.69
C LEU A 329 -6.38 -4.77 30.33
N THR A 330 -5.53 -4.33 31.28
CA THR A 330 -4.69 -5.24 32.05
C THR A 330 -5.20 -5.27 33.49
N VAL A 331 -6.02 -6.28 33.80
CA VAL A 331 -6.67 -6.36 35.11
C VAL A 331 -5.81 -7.20 36.04
N SER A 332 -5.56 -6.64 37.25
CA SER A 332 -4.95 -7.40 38.33
C SER A 332 -5.98 -8.36 38.92
N GLY A 333 -5.51 -9.53 39.37
CA GLY A 333 -6.39 -10.59 39.80
C GLY A 333 -7.08 -11.27 38.62
N LEU A 334 -8.41 -11.31 38.65
CA LEU A 334 -9.22 -11.97 37.64
C LEU A 334 -8.88 -13.46 37.61
N LEU A 335 -8.09 -13.89 36.62
CA LEU A 335 -7.57 -15.25 36.60
C LEU A 335 -6.36 -15.33 37.52
N GLY A 336 -6.38 -16.29 38.44
CA GLY A 336 -5.35 -16.42 39.45
C GLY A 336 -5.65 -15.58 40.68
N ASP A 337 -5.09 -15.98 41.83
CA ASP A 337 -5.31 -15.30 43.09
C ASP A 337 -4.65 -13.92 43.05
N MET A 338 -3.39 -13.89 42.57
CA MET A 338 -2.63 -12.67 42.45
C MET A 338 -1.91 -12.67 41.11
N THR A 339 -2.66 -12.43 40.03
CA THR A 339 -2.11 -12.46 38.68
C THR A 339 -2.71 -11.32 37.85
N SER A 340 -1.94 -10.82 36.89
CA SER A 340 -2.43 -9.85 35.93
C SER A 340 -2.77 -10.58 34.63
N SER A 341 -4.04 -10.46 34.20
CA SER A 341 -4.48 -10.98 32.91
C SER A 341 -4.95 -9.83 32.03
N GLU A 342 -5.16 -10.12 30.74
CA GLU A 342 -5.50 -9.09 29.76
C GLU A 342 -6.81 -9.43 29.06
N VAL A 343 -7.54 -8.38 28.69
CA VAL A 343 -8.73 -8.48 27.85
C VAL A 343 -8.71 -7.32 26.85
N SER A 344 -9.21 -7.58 25.64
CA SER A 344 -9.14 -6.62 24.54
C SER A 344 -10.42 -6.62 23.73
N THR A 345 -10.58 -5.57 22.91
CA THR A 345 -11.64 -5.51 21.91
C THR A 345 -11.12 -4.72 20.70
N GLU A 346 -11.45 -5.18 19.50
CA GLU A 346 -10.79 -4.75 18.28
C GLU A 346 -11.79 -4.13 17.31
N LEU A 347 -11.43 -2.98 16.74
CA LEU A 347 -12.18 -2.33 15.68
C LEU A 347 -11.32 -2.29 14.42
N PRO A 348 -11.85 -2.69 13.25
CA PRO A 348 -11.15 -2.51 11.97
C PRO A 348 -11.34 -1.10 11.43
N PHE A 349 -10.43 -0.69 10.54
CA PHE A 349 -10.55 0.58 9.83
C PHE A 349 -9.75 0.50 8.54
N ILE A 350 -9.98 1.48 7.66
CA ILE A 350 -9.29 1.55 6.37
C ILE A 350 -8.16 2.57 6.50
N LEU A 351 -6.99 2.22 5.94
CA LEU A 351 -5.87 3.15 5.84
C LEU A 351 -5.47 3.26 4.37
N MET A 352 -5.25 4.50 3.91
CA MET A 352 -4.99 4.76 2.50
C MET A 352 -4.00 5.93 2.37
N HIS A 353 -3.63 6.23 1.12
CA HIS A 353 -2.81 7.37 0.79
C HIS A 353 -3.70 8.60 0.70
N PRO A 354 -3.29 9.78 1.22
CA PRO A 354 -4.09 11.00 1.12
C PRO A 354 -4.25 11.47 -0.33
N ASN A 355 -5.24 12.35 -0.55
CA ASN A 355 -5.48 12.93 -1.86
C ASN A 355 -4.30 13.83 -2.23
N PRO A 356 -3.60 13.56 -3.37
CA PRO A 356 -2.51 14.43 -3.82
C PRO A 356 -2.99 15.83 -4.20
N ASP A 357 -2.05 16.79 -4.15
CA ASP A 357 -2.35 18.18 -4.47
C ASP A 357 -2.45 18.33 -6.00
#